data_7QD3
#
_entry.id   7QD3
#
_cell.length_a   50.698
_cell.length_b   68.653
_cell.length_c   117.924
_cell.angle_alpha   90.000
_cell.angle_beta   90.000
_cell.angle_gamma   90.000
#
_symmetry.space_group_name_H-M   'I 2 2 2'
#
loop_
_entity.id
_entity.type
_entity.pdbx_description
1 polymer 'Cholinephosphate cytidylyltransferase'
2 non-polymer morpholine
3 water water
#
_entity_poly.entity_id   1
_entity_poly.type   'polypeptide(L)'
_entity_poly.pdbx_seq_one_letter_code
;GHMAVPDDDDDDDNSNDESEYESSQMDSEKNKGSIKNSKNVVIYADGVYDMLHLGHMKQLEQAKKLFENTTLIVGVTSDN
ETKLFKGQVVQTLEERTETLKHIRWVDEIISPCPWVVTPEFLEKYKIDYVAHDDIPYANNQKEDIYAWLKRAGKFKATQR
TEGVSTTDLIVRILKNYEDY
;
_entity_poly.pdbx_strand_id   A
#
loop_
_chem_comp.id
_chem_comp.type
_chem_comp.name
_chem_comp.formula
6LR non-polymer morpholine 'C4 H9 N O'
#
# COMPACT_ATOMS: atom_id res chain seq x y z
N SER A 38 16.93 -2.40 -19.74
CA SER A 38 15.67 -3.01 -20.14
C SER A 38 14.48 -2.07 -19.90
N LYS A 39 13.36 -2.33 -20.59
CA LYS A 39 12.27 -1.36 -20.69
C LYS A 39 11.48 -1.28 -19.38
N ASN A 40 10.58 -0.31 -19.33
CA ASN A 40 9.96 0.08 -18.07
C ASN A 40 8.77 -0.81 -17.71
N VAL A 41 8.77 -1.29 -16.47
CA VAL A 41 7.73 -2.17 -15.95
C VAL A 41 6.83 -1.35 -15.03
N VAL A 42 5.53 -1.51 -15.17
CA VAL A 42 4.55 -0.79 -14.35
C VAL A 42 4.09 -1.69 -13.21
N ILE A 43 4.16 -1.17 -11.99
CA ILE A 43 3.80 -1.92 -10.79
C ILE A 43 2.66 -1.20 -10.06
N TYR A 44 1.75 -1.98 -9.49
CA TYR A 44 0.62 -1.44 -8.73
C TYR A 44 0.58 -2.12 -7.38
N ALA A 45 0.62 -1.32 -6.31
CA ALA A 45 0.29 -1.78 -4.96
C ALA A 45 -0.86 -0.95 -4.40
N ASP A 46 -1.64 -1.53 -3.50
CA ASP A 46 -2.71 -0.77 -2.86
C ASP A 46 -2.82 -1.10 -1.37
N GLY A 47 -3.42 -0.16 -0.66
CA GLY A 47 -3.68 -0.37 0.75
C GLY A 47 -4.36 0.85 1.33
N VAL A 48 -4.44 0.85 2.66
CA VAL A 48 -5.07 1.94 3.39
C VAL A 48 -4.07 3.04 3.67
N TYR A 49 -2.87 2.67 4.09
CA TYR A 49 -1.82 3.65 4.41
C TYR A 49 -2.28 4.65 5.48
N ASP A 50 -3.06 4.17 6.45
CA ASP A 50 -3.37 4.97 7.63
C ASP A 50 -2.13 5.06 8.52
N MET A 51 -1.88 6.26 9.06
CA MET A 51 -0.80 6.49 10.04
C MET A 51 0.55 5.96 9.53
N LEU A 52 0.93 6.40 8.33
CA LEU A 52 2.05 5.81 7.59
C LEU A 52 3.33 5.70 8.40
N HIS A 53 3.95 4.53 8.37
CA HIS A 53 5.16 4.23 9.15
C HIS A 53 6.18 3.46 8.30
N LEU A 54 7.33 3.18 8.92
CA LEU A 54 8.45 2.47 8.30
C LEU A 54 8.05 1.15 7.68
N GLY A 55 7.03 0.49 8.21
CA GLY A 55 6.58 -0.75 7.61
C GLY A 55 5.98 -0.54 6.24
N HIS A 56 5.06 0.42 6.12
CA HIS A 56 4.51 0.78 4.80
C HIS A 56 5.62 1.13 3.82
N MET A 57 6.54 2.02 4.24
CA MET A 57 7.56 2.49 3.31
C MET A 57 8.48 1.37 2.88
N LYS A 58 8.83 0.45 3.77
CA LYS A 58 9.66 -0.68 3.36
C LYS A 58 8.95 -1.52 2.29
N GLN A 59 7.63 -1.71 2.43
CA GLN A 59 6.88 -2.44 1.41
C GLN A 59 6.90 -1.70 0.07
N LEU A 60 6.47 -0.44 0.09
CA LEU A 60 6.58 0.40 -1.10
C LEU A 60 7.97 0.37 -1.73
N GLU A 61 9.02 0.47 -0.91
CA GLU A 61 10.37 0.37 -1.45
C GLU A 61 10.58 -0.96 -2.17
N GLN A 62 10.11 -2.05 -1.60
CA GLN A 62 10.41 -3.35 -2.18
C GLN A 62 9.60 -3.57 -3.45
N ALA A 63 8.38 -3.03 -3.50
CA ALA A 63 7.62 -3.00 -4.74
C ALA A 63 8.39 -2.26 -5.83
N LYS A 64 8.80 -1.02 -5.53
CA LYS A 64 9.50 -0.19 -6.49
C LYS A 64 10.72 -0.87 -7.08
N LYS A 65 11.43 -1.68 -6.28
CA LYS A 65 12.68 -2.28 -6.71
C LYS A 65 12.51 -3.72 -7.16
N LEU A 66 11.31 -4.11 -7.57
CA LEU A 66 11.14 -5.47 -8.10
C LEU A 66 11.96 -5.68 -9.37
N PHE A 67 12.04 -4.64 -10.19
CA PHE A 67 12.84 -4.63 -11.41
C PHE A 67 13.66 -3.34 -11.47
N GLU A 68 14.70 -3.36 -12.33
CA GLU A 68 15.63 -2.23 -12.40
C GLU A 68 14.99 -0.96 -12.90
N ASN A 69 13.88 -1.07 -13.64
CA ASN A 69 13.26 0.06 -14.31
C ASN A 69 11.75 -0.03 -14.14
N THR A 70 11.20 0.77 -13.24
CA THR A 70 9.81 0.61 -12.86
C THR A 70 9.10 1.94 -12.74
N THR A 71 7.77 1.85 -12.80
CA THR A 71 6.85 2.88 -12.36
C THR A 71 5.93 2.25 -11.35
N LEU A 72 5.95 2.79 -10.12
CA LEU A 72 5.13 2.31 -9.00
C LEU A 72 3.90 3.20 -8.90
N ILE A 73 2.74 2.62 -9.18
CA ILE A 73 1.46 3.24 -8.93
C ILE A 73 0.90 2.69 -7.63
N VAL A 74 0.45 3.57 -6.76
CA VAL A 74 -0.08 3.19 -5.47
C VAL A 74 -1.55 3.59 -5.40
N GLY A 75 -2.39 2.66 -4.98
CA GLY A 75 -3.80 2.91 -4.82
C GLY A 75 -4.14 2.99 -3.33
N VAL A 76 -4.97 3.97 -2.99
CA VAL A 76 -5.34 4.28 -1.62
C VAL A 76 -6.84 4.04 -1.48
N THR A 77 -7.22 3.22 -0.50
CA THR A 77 -8.62 2.82 -0.35
C THR A 77 -9.45 3.95 0.23
N SER A 78 -10.71 4.02 -0.22
CA SER A 78 -11.63 5.09 0.19
C SER A 78 -12.12 4.88 1.63
N ASP A 79 -12.57 5.98 2.23
CA ASP A 79 -12.96 5.97 3.64
C ASP A 79 -14.11 4.98 3.86
N ASN A 80 -15.24 5.23 3.19
CA ASN A 80 -16.42 4.41 3.43
CA ASN A 80 -16.43 4.41 3.42
C ASN A 80 -16.14 2.93 3.21
N GLU A 81 -15.40 2.58 2.15
CA GLU A 81 -15.17 1.17 1.86
C GLU A 81 -14.24 0.53 2.90
N THR A 82 -13.18 1.21 3.31
CA THR A 82 -12.35 0.65 4.37
C THR A 82 -13.17 0.42 5.64
N LYS A 83 -13.96 1.41 6.05
CA LYS A 83 -14.75 1.27 7.25
C LYS A 83 -15.74 0.11 7.12
N LEU A 84 -16.23 -0.15 5.92
CA LEU A 84 -17.23 -1.19 5.74
C LEU A 84 -16.63 -2.60 5.80
N PHE A 85 -15.48 -2.82 5.16
CA PHE A 85 -14.95 -4.18 5.01
C PHE A 85 -13.77 -4.50 5.92
N LYS A 86 -12.80 -3.58 6.06
CA LYS A 86 -11.65 -3.81 6.94
C LYS A 86 -11.90 -3.29 8.34
N GLY A 87 -12.25 -2.01 8.47
CA GLY A 87 -12.48 -1.41 9.77
C GLY A 87 -11.97 0.01 9.91
N GLN A 88 -11.59 0.37 11.14
CA GLN A 88 -11.45 1.75 11.55
C GLN A 88 -10.26 2.42 10.88
N VAL A 89 -10.47 3.65 10.38
CA VAL A 89 -9.46 4.44 9.69
C VAL A 89 -9.33 5.77 10.42
N VAL A 90 -8.11 6.14 10.78
CA VAL A 90 -7.90 7.38 11.52
C VAL A 90 -7.98 8.58 10.57
N GLN A 91 -7.07 8.64 9.60
CA GLN A 91 -6.98 9.78 8.71
C GLN A 91 -7.87 9.59 7.49
N THR A 92 -8.30 10.70 6.91
CA THR A 92 -9.11 10.66 5.71
C THR A 92 -8.27 10.25 4.50
N LEU A 93 -8.97 10.03 3.39
CA LEU A 93 -8.29 9.79 2.12
C LEU A 93 -7.34 10.94 1.81
N GLU A 94 -7.85 12.18 1.88
CA GLU A 94 -7.01 13.34 1.56
C GLU A 94 -5.75 13.36 2.41
N GLU A 95 -5.85 13.11 3.71
CA GLU A 95 -4.66 13.05 4.54
C GLU A 95 -3.77 11.88 4.15
N ARG A 96 -4.36 10.69 4.03
CA ARG A 96 -3.56 9.51 3.76
C ARG A 96 -2.85 9.63 2.42
N THR A 97 -3.45 10.34 1.48
CA THR A 97 -2.85 10.52 0.17
C THR A 97 -1.76 11.59 0.21
N GLU A 98 -2.05 12.76 0.81
CA GLU A 98 -1.06 13.83 0.92
C GLU A 98 0.24 13.35 1.56
N THR A 99 0.15 12.41 2.49
CA THR A 99 1.35 11.88 3.12
C THR A 99 2.13 10.99 2.15
N LEU A 100 1.44 10.07 1.46
CA LEU A 100 2.08 9.14 0.56
C LEU A 100 2.87 9.87 -0.53
N LYS A 101 2.48 11.10 -0.85
CA LYS A 101 3.14 11.88 -1.94
C LYS A 101 4.59 12.19 -1.59
N HIS A 102 4.97 12.14 -0.32
CA HIS A 102 6.32 12.50 0.11
C HIS A 102 7.29 11.34 0.11
N ILE A 103 6.81 10.14 -0.21
CA ILE A 103 7.66 8.96 -0.28
C ILE A 103 8.30 8.93 -1.66
N ARG A 104 9.62 8.78 -1.73
CA ARG A 104 10.33 8.88 -3.04
C ARG A 104 10.00 7.72 -3.98
N TRP A 105 9.57 6.58 -3.45
CA TRP A 105 9.34 5.41 -4.26
C TRP A 105 8.05 5.49 -5.03
N VAL A 106 7.18 6.40 -4.60
CA VAL A 106 5.83 6.52 -5.22
C VAL A 106 5.91 7.37 -6.49
N ASP A 107 5.54 6.77 -7.62
CA ASP A 107 5.51 7.51 -8.88
C ASP A 107 4.14 8.03 -9.23
N GLU A 108 3.09 7.28 -8.89
CA GLU A 108 1.72 7.67 -9.17
C GLU A 108 0.80 7.16 -8.08
N ILE A 109 -0.19 7.96 -7.71
CA ILE A 109 -1.20 7.57 -6.74
C ILE A 109 -2.56 7.58 -7.42
N ILE A 110 -3.32 6.51 -7.24
CA ILE A 110 -4.73 6.45 -7.61
C ILE A 110 -5.55 6.61 -6.33
N SER A 111 -6.35 7.65 -6.27
CA SER A 111 -7.04 7.99 -5.03
C SER A 111 -8.43 8.57 -5.30
N PRO A 112 -9.49 7.85 -4.96
CA PRO A 112 -9.42 6.52 -4.31
C PRO A 112 -9.19 5.43 -5.34
N CYS A 113 -8.54 4.35 -4.95
CA CYS A 113 -8.43 3.17 -5.80
C CYS A 113 -9.70 2.33 -5.66
N PRO A 114 -9.91 1.37 -6.56
CA PRO A 114 -11.00 0.41 -6.35
C PRO A 114 -10.65 -0.53 -5.20
N TRP A 115 -11.69 -1.06 -4.58
CA TRP A 115 -11.49 -1.99 -3.48
C TRP A 115 -11.21 -3.41 -3.96
N VAL A 116 -11.81 -3.81 -5.07
CA VAL A 116 -11.46 -5.05 -5.76
C VAL A 116 -10.71 -4.70 -7.04
N VAL A 117 -9.48 -5.15 -7.13
CA VAL A 117 -8.72 -5.05 -8.37
C VAL A 117 -9.26 -6.11 -9.34
N THR A 118 -9.45 -5.70 -10.59
CA THR A 118 -10.06 -6.48 -11.65
C THR A 118 -9.19 -6.47 -12.92
N PRO A 119 -9.34 -7.47 -13.82
CA PRO A 119 -8.51 -7.46 -15.05
C PRO A 119 -8.68 -6.19 -15.89
N GLU A 120 -9.91 -5.66 -15.98
CA GLU A 120 -10.16 -4.40 -16.67
C GLU A 120 -9.29 -3.27 -16.12
N PHE A 121 -9.16 -3.21 -14.80
CA PHE A 121 -8.40 -2.14 -14.16
C PHE A 121 -6.93 -2.20 -14.54
N LEU A 122 -6.36 -3.40 -14.60
CA LEU A 122 -4.99 -3.55 -15.08
C LEU A 122 -4.85 -3.13 -16.54
N GLU A 123 -5.83 -3.46 -17.37
CA GLU A 123 -5.75 -3.09 -18.78
C GLU A 123 -5.73 -1.57 -18.95
N LYS A 124 -6.47 -0.86 -18.12
CA LYS A 124 -6.65 0.57 -18.33
C LYS A 124 -5.35 1.33 -18.07
N TYR A 125 -4.75 1.12 -16.90
CA TYR A 125 -3.54 1.80 -16.49
C TYR A 125 -2.28 1.06 -16.91
N LYS A 126 -2.39 0.05 -17.77
CA LYS A 126 -1.23 -0.63 -18.35
C LYS A 126 -0.31 -1.19 -17.26
N ILE A 127 -0.86 -2.05 -16.41
CA ILE A 127 -0.17 -2.55 -15.22
C ILE A 127 0.39 -3.93 -15.50
N ASP A 128 1.70 -4.09 -15.31
CA ASP A 128 2.32 -5.38 -15.54
C ASP A 128 2.25 -6.30 -14.33
N TYR A 129 2.48 -5.79 -13.14
CA TYR A 129 2.42 -6.63 -11.97
C TYR A 129 1.73 -5.90 -10.84
N VAL A 130 1.26 -6.69 -9.88
CA VAL A 130 0.54 -6.25 -8.70
C VAL A 130 1.34 -6.76 -7.50
N ALA A 131 1.83 -5.85 -6.65
CA ALA A 131 2.56 -6.24 -5.44
C ALA A 131 1.62 -6.29 -4.26
N HIS A 132 1.46 -7.48 -3.67
CA HIS A 132 0.53 -7.72 -2.57
C HIS A 132 1.32 -8.49 -1.51
N ASP A 133 0.62 -9.19 -0.62
CA ASP A 133 1.27 -10.24 0.17
C ASP A 133 0.36 -11.45 0.32
N ILE A 145 -9.71 -15.91 -4.04
CA ILE A 145 -8.62 -15.14 -3.46
C ILE A 145 -8.08 -14.24 -4.57
N TYR A 146 -6.86 -13.72 -4.45
CA TYR A 146 -6.26 -13.02 -5.58
C TYR A 146 -5.58 -14.03 -6.52
N ALA A 147 -6.32 -15.09 -6.90
CA ALA A 147 -5.74 -16.25 -7.57
C ALA A 147 -5.60 -16.06 -9.08
N TRP A 148 -6.58 -15.39 -9.69
CA TRP A 148 -6.45 -15.05 -11.10
C TRP A 148 -5.16 -14.29 -11.37
N LEU A 149 -4.70 -13.50 -10.40
CA LEU A 149 -3.49 -12.70 -10.61
C LEU A 149 -2.29 -13.60 -10.80
N LYS A 150 -2.19 -14.66 -10.00
CA LYS A 150 -1.06 -15.57 -10.17
C LYS A 150 -1.19 -16.30 -11.50
N ARG A 151 -2.39 -16.81 -11.80
CA ARG A 151 -2.58 -17.62 -13.05
C ARG A 151 -2.10 -16.82 -14.27
N ALA A 152 -2.16 -15.49 -14.19
CA ALA A 152 -1.76 -14.60 -15.26
C ALA A 152 -0.32 -14.13 -15.13
N GLY A 153 0.43 -14.64 -14.15
CA GLY A 153 1.81 -14.20 -13.99
C GLY A 153 1.97 -12.76 -13.56
N LYS A 154 0.94 -12.14 -13.00
CA LYS A 154 1.00 -10.73 -12.64
C LYS A 154 1.08 -10.50 -11.14
N PHE A 155 1.40 -11.53 -10.35
CA PHE A 155 1.46 -11.44 -8.89
C PHE A 155 2.91 -11.47 -8.42
N LYS A 156 3.30 -10.45 -7.66
CA LYS A 156 4.61 -10.40 -7.02
C LYS A 156 4.36 -10.09 -5.54
N ALA A 157 4.90 -10.92 -4.65
CA ALA A 157 4.64 -10.73 -3.23
C ALA A 157 5.71 -9.86 -2.58
N THR A 158 5.30 -9.08 -1.59
CA THR A 158 6.22 -8.31 -0.76
C THR A 158 5.88 -8.56 0.71
N GLN A 159 6.84 -8.25 1.57
CA GLN A 159 6.80 -8.61 2.97
C GLN A 159 6.48 -7.42 3.86
N ARG A 160 5.83 -7.72 4.97
CA ARG A 160 5.59 -6.73 6.02
C ARG A 160 6.70 -6.81 7.06
N THR A 161 7.02 -5.67 7.64
CA THR A 161 7.96 -5.61 8.74
C THR A 161 7.17 -5.34 10.00
N GLU A 162 7.19 -6.29 10.93
CA GLU A 162 6.42 -6.14 12.14
C GLU A 162 7.19 -5.28 13.14
N GLY A 163 6.47 -4.71 14.12
CA GLY A 163 7.09 -4.00 15.22
C GLY A 163 7.49 -2.56 14.95
N VAL A 164 7.26 -2.04 13.75
CA VAL A 164 7.67 -0.68 13.38
C VAL A 164 6.46 0.23 13.15
N SER A 165 5.28 -0.19 13.60
CA SER A 165 4.08 0.59 13.29
C SER A 165 4.04 1.84 14.15
N THR A 166 3.09 2.70 13.83
CA THR A 166 2.87 3.91 14.62
C THR A 166 2.23 3.56 15.97
N THR A 167 1.35 2.55 16.01
CA THR A 167 0.80 2.12 17.28
C THR A 167 1.89 1.58 18.21
N ASP A 168 2.82 0.80 17.66
CA ASP A 168 3.93 0.28 18.44
C ASP A 168 4.73 1.40 19.10
N LEU A 169 4.95 2.50 18.38
CA LEU A 169 5.65 3.64 18.99
C LEU A 169 4.91 4.14 20.23
N ILE A 170 3.58 4.28 20.13
CA ILE A 170 2.80 4.76 21.27
C ILE A 170 2.93 3.81 22.44
N VAL A 171 2.99 2.50 22.15
CA VAL A 171 3.19 1.53 23.21
C VAL A 171 4.50 1.80 23.95
N ARG A 172 5.58 2.06 23.20
CA ARG A 172 6.86 2.35 23.84
C ARG A 172 6.78 3.60 24.72
N ILE A 173 6.09 4.65 24.25
CA ILE A 173 5.89 5.86 25.04
C ILE A 173 5.27 5.50 26.38
N LEU A 174 4.22 4.67 26.37
CA LEU A 174 3.51 4.34 27.61
C LEU A 174 4.40 3.59 28.58
N LYS A 175 5.37 2.84 28.08
CA LYS A 175 6.21 2.03 28.95
C LYS A 175 7.27 2.84 29.69
N ASN A 176 7.28 4.17 29.54
CA ASN A 176 7.97 5.01 30.52
C ASN A 176 7.25 5.03 31.85
N TYR A 177 6.06 4.46 31.93
CA TYR A 177 5.17 4.63 33.07
C TYR A 177 4.85 3.27 33.68
N GLU A 178 5.66 2.90 34.68
CA GLU A 178 5.44 1.75 35.56
C GLU A 178 3.96 1.65 35.93
N ASP A 179 3.47 0.41 36.08
CA ASP A 179 2.09 0.22 36.51
C ASP A 179 1.90 0.57 37.98
N TYR A 180 2.96 0.53 38.77
CA TYR A 180 2.84 0.76 40.20
C TYR A 180 3.87 1.77 40.67
N4 6LR B . -6.53 -3.17 -1.63
C3 6LR B . -7.99 -3.32 -1.55
C2 6LR B . -8.53 -3.66 -0.09
C5 6LR B . -5.88 -3.91 -0.50
C6 6LR B . -6.29 -3.31 0.89
O1 6LR B . -7.70 -3.19 1.04
N4 6LR C . 5.04 -10.77 -18.02
C3 6LR C . 4.01 -11.35 -17.09
C2 6LR C . 2.59 -10.71 -17.30
C5 6LR C . 5.05 -9.27 -17.92
C6 6LR C . 3.60 -8.64 -18.04
O1 6LR C . 2.64 -9.29 -17.14
#